data_5ZDF
#
_entry.id   5ZDF
#
_cell.length_a   63.176
_cell.length_b   63.176
_cell.length_c   130.929
_cell.angle_alpha   90.00
_cell.angle_beta   90.00
_cell.angle_gamma   120.00
#
_symmetry.space_group_name_H-M   'P 32 2 1'
#
loop_
_entity.id
_entity.type
_entity.pdbx_description
1 polymer 'Poly ADP-ribose glycohydrolase'
2 non-polymer '[(2R,3S,4R,5R)-5-(6-AMINOPURIN-9-YL)-3,4-DIHYDROXY-OXOLAN-2-YL]METHYL [HYDROXY-[[(2R,3S,4R,5S)-3,4,5-TRIHYDROXYOXOLAN-2-YL]METHOXY]PHOSPHORYL] HYDROGEN PHOSPHATE'
3 water water
#
_entity_poly.entity_id   1
_entity_poly.type   'polypeptide(L)'
_entity_poly.pdbx_seq_one_letter_code
;VRLPGLAAMRQGTRLFTPEQGEDLREALRRRRGSFQTTCEVTSETTFAAARRLREKASALAALNFASAKNPGGGFLGGAQ
AQEEDLCRGSGLYFSLTSPQAEPYYAVNRQSHSALYTDHLIYSPQVPIFRDDAGQLLPAPVPVNIITAPAPNAGAVAQSR
PEQLPQVLPTLRERARRVLGVAAWMEQTHLVLGAWGCGVFRNDPAGVARTFRELLEGEAQGAFEHVTFAVLDNHPQHPKL
GAFRRELESLC
;
_entity_poly.pdbx_strand_id   A
#
loop_
_chem_comp.id
_chem_comp.type
_chem_comp.name
_chem_comp.formula
AR6 non-polymer '[(2R,3S,4R,5R)-5-(6-AMINOPURIN-9-YL)-3,4-DIHYDROXY-OXOLAN-2-YL]METHYL [HYDROXY-[[(2R,3S,4R,5S)-3,4,5-TRIHYDROXYOXOLAN-2-YL]METHOXY]PHOSPHORYL] HYDROGEN PHOSPHATE' 'C15 H23 N5 O14 P2'
#
# COMPACT_ATOMS: atom_id res chain seq x y z
N VAL A 1 5.25 27.54 -10.34
CA VAL A 1 4.11 27.56 -9.41
C VAL A 1 3.74 26.13 -8.94
N ARG A 2 3.27 26.01 -7.70
CA ARG A 2 2.94 24.70 -7.14
C ARG A 2 1.65 24.15 -7.76
N LEU A 3 1.61 22.82 -7.97
CA LEU A 3 0.46 22.21 -8.63
C LEU A 3 -0.77 22.23 -7.73
N PRO A 4 -1.98 22.25 -8.31
CA PRO A 4 -3.19 22.24 -7.48
C PRO A 4 -3.23 20.99 -6.61
N GLY A 5 -3.77 21.14 -5.38
CA GLY A 5 -4.01 20.03 -4.49
C GLY A 5 -2.85 19.64 -3.62
N LEU A 6 -1.65 20.13 -3.92
CA LEU A 6 -0.48 19.69 -3.18
C LEU A 6 -0.52 20.18 -1.74
N ALA A 7 -0.81 21.48 -1.54
CA ALA A 7 -0.81 22.05 -0.20
C ALA A 7 -1.82 21.35 0.71
N ALA A 8 -3.07 21.25 0.25
CA ALA A 8 -4.09 20.52 1.00
C ALA A 8 -3.62 19.11 1.36
N MET A 9 -3.01 18.41 0.40
CA MET A 9 -2.61 17.02 0.63
C MET A 9 -1.48 16.94 1.64
N ARG A 10 -0.46 17.80 1.50
CA ARG A 10 0.68 17.76 2.39
C ARG A 10 0.27 18.08 3.81
N GLN A 11 -0.59 19.09 3.95
CA GLN A 11 -1.02 19.56 5.27
C GLN A 11 -1.92 18.55 5.97
N GLY A 12 -2.69 17.77 5.18
CA GLY A 12 -3.47 16.67 5.70
C GLY A 12 -2.69 15.39 5.88
N THR A 13 -1.42 15.34 5.49
CA THR A 13 -0.66 14.11 5.70
C THR A 13 -0.53 13.82 7.18
N ARG A 14 -0.62 12.54 7.53
CA ARG A 14 -0.75 12.16 8.92
C ARG A 14 -0.01 10.84 9.17
N LEU A 15 0.69 10.77 10.30
CA LEU A 15 1.47 9.61 10.70
C LEU A 15 0.67 8.71 11.64
N PHE A 16 0.63 7.42 11.34
CA PHE A 16 0.19 6.40 12.28
C PHE A 16 1.43 5.73 12.86
N THR A 17 1.52 5.69 14.20
CA THR A 17 2.66 5.14 14.92
C THR A 17 2.36 3.74 15.40
N PRO A 18 3.39 3.00 15.83
CA PRO A 18 3.15 1.63 16.29
C PRO A 18 2.22 1.54 17.47
N GLU A 19 2.25 2.54 18.36
CA GLU A 19 1.43 2.50 19.55
C GLU A 19 -0.06 2.65 19.24
N GLN A 20 -0.43 2.91 18.01
CA GLN A 20 -1.84 2.99 17.64
C GLN A 20 -2.33 1.71 16.95
N GLY A 21 -1.58 0.62 17.10
CA GLY A 21 -1.98 -0.64 16.49
C GLY A 21 -3.36 -1.10 16.94
N GLU A 22 -3.61 -1.05 18.24
CA GLU A 22 -4.91 -1.47 18.77
C GLU A 22 -6.04 -0.54 18.29
N ASP A 23 -5.75 0.76 18.13
CA ASP A 23 -6.73 1.67 17.52
C ASP A 23 -7.12 1.22 16.13
N LEU A 24 -6.14 0.72 15.37
CA LEU A 24 -6.41 0.29 14.01
C LEU A 24 -7.22 -1.01 13.99
N ARG A 25 -6.95 -1.93 14.91
CA ARG A 25 -7.71 -3.17 14.93
C ARG A 25 -9.17 -2.92 15.27
N GLU A 26 -9.42 -2.12 16.32
CA GLU A 26 -10.79 -1.78 16.71
C GLU A 26 -11.54 -1.13 15.55
N ALA A 27 -10.84 -0.35 14.73
CA ALA A 27 -11.48 0.21 13.55
C ALA A 27 -11.84 -0.87 12.56
N LEU A 28 -10.94 -1.83 12.33
CA LEU A 28 -11.25 -2.95 11.44
C LEU A 28 -12.39 -3.78 11.99
N ARG A 29 -12.26 -4.21 13.25
CA ARG A 29 -13.26 -5.02 13.90
C ARG A 29 -14.63 -4.35 13.84
N ARG A 30 -14.68 -3.05 14.15
CA ARG A 30 -15.95 -2.34 14.12
C ARG A 30 -16.55 -2.30 12.72
N ARG A 31 -15.70 -2.33 11.70
CA ARG A 31 -16.13 -2.18 10.31
C ARG A 31 -16.40 -3.51 9.63
N ARG A 32 -16.06 -4.63 10.27
CA ARG A 32 -16.33 -5.95 9.73
C ARG A 32 -17.78 -6.08 9.28
N GLY A 33 -17.99 -6.80 8.16
CA GLY A 33 -19.33 -7.16 7.76
C GLY A 33 -20.19 -6.07 7.16
N SER A 34 -19.61 -4.96 6.73
CA SER A 34 -20.42 -3.83 6.28
C SER A 34 -20.87 -3.94 4.82
N PHE A 35 -20.18 -4.71 3.99
CA PHE A 35 -20.55 -4.79 2.58
C PHE A 35 -20.41 -6.22 2.09
N GLN A 36 -20.94 -6.45 0.90
CA GLN A 36 -20.60 -7.63 0.12
C GLN A 36 -19.35 -7.26 -0.66
N THR A 37 -18.19 -7.61 -0.12
CA THR A 37 -16.91 -7.15 -0.65
C THR A 37 -16.64 -7.76 -2.01
N THR A 38 -16.65 -6.92 -3.04
CA THR A 38 -16.28 -7.31 -4.39
C THR A 38 -14.77 -7.18 -4.53
N CYS A 39 -14.15 -8.17 -5.16
CA CYS A 39 -12.71 -8.11 -5.36
C CYS A 39 -12.29 -8.79 -6.65
N GLU A 40 -11.21 -8.27 -7.23
CA GLU A 40 -10.65 -8.67 -8.51
C GLU A 40 -9.13 -8.64 -8.42
N VAL A 41 -8.50 -9.33 -9.36
CA VAL A 41 -7.05 -9.37 -9.51
C VAL A 41 -6.74 -8.99 -10.94
N THR A 42 -5.98 -7.92 -11.12
CA THR A 42 -5.73 -7.39 -12.45
C THR A 42 -4.23 -7.22 -12.66
N SER A 43 -3.89 -6.91 -13.91
CA SER A 43 -2.52 -6.65 -14.31
C SER A 43 -2.26 -5.16 -14.56
N GLU A 44 -3.11 -4.29 -14.05
CA GLU A 44 -2.91 -2.87 -14.26
C GLU A 44 -1.92 -2.31 -13.24
N THR A 45 -1.41 -1.13 -13.53
CA THR A 45 -0.64 -0.45 -12.52
C THR A 45 -1.55 0.00 -11.39
N THR A 46 -0.91 0.39 -10.31
CA THR A 46 -1.64 0.78 -9.10
C THR A 46 -2.46 2.04 -9.36
N PHE A 47 -1.92 2.98 -10.15
CA PHE A 47 -2.66 4.20 -10.49
C PHE A 47 -3.59 4.03 -11.67
N ALA A 48 -3.54 2.89 -12.37
CA ALA A 48 -4.51 2.63 -13.41
C ALA A 48 -5.79 2.02 -12.83
N ALA A 49 -5.63 1.06 -11.91
CA ALA A 49 -6.79 0.57 -11.17
C ALA A 49 -7.46 1.72 -10.40
N ALA A 50 -6.66 2.54 -9.73
CA ALA A 50 -7.21 3.72 -9.04
C ALA A 50 -8.02 4.58 -9.98
N ARG A 51 -7.46 4.91 -11.15
CA ARG A 51 -8.06 5.94 -12.00
C ARG A 51 -9.39 5.47 -12.59
N ARG A 52 -9.51 4.17 -12.87
CA ARG A 52 -10.80 3.69 -13.36
C ARG A 52 -11.82 3.55 -12.23
N LEU A 53 -11.36 3.23 -11.02
CA LEU A 53 -12.27 3.12 -9.90
C LEU A 53 -12.80 4.47 -9.44
N ARG A 54 -12.11 5.56 -9.80
CA ARG A 54 -12.35 6.86 -9.18
C ARG A 54 -13.79 7.31 -9.33
N GLU A 55 -14.24 7.48 -10.57
CA GLU A 55 -15.61 7.84 -10.91
C GLU A 55 -16.64 6.93 -10.25
N LYS A 56 -16.28 5.73 -9.78
CA LYS A 56 -17.20 4.84 -9.09
C LYS A 56 -17.06 4.87 -7.57
N ALA A 57 -16.10 5.62 -7.05
CA ALA A 57 -15.54 5.37 -5.73
C ALA A 57 -15.98 6.41 -4.71
N SER A 58 -16.60 5.94 -3.62
CA SER A 58 -16.93 6.86 -2.53
C SER A 58 -15.68 7.31 -1.79
N ALA A 59 -14.83 6.36 -1.40
CA ALA A 59 -13.59 6.67 -0.69
C ALA A 59 -12.49 5.74 -1.20
N LEU A 60 -11.56 6.29 -1.98
CA LEU A 60 -10.59 5.49 -2.72
C LEU A 60 -9.21 5.60 -2.07
N ALA A 61 -8.61 4.44 -1.73
CA ALA A 61 -7.29 4.38 -1.13
C ALA A 61 -6.42 3.36 -1.86
N ALA A 62 -5.10 3.60 -1.88
CA ALA A 62 -4.15 2.73 -2.56
C ALA A 62 -2.88 2.59 -1.72
N LEU A 63 -2.23 1.43 -1.85
CA LEU A 63 -1.07 1.08 -1.02
C LEU A 63 0.23 1.44 -1.73
N ASN A 64 1.12 2.13 -1.02
CA ASN A 64 2.44 2.45 -1.53
C ASN A 64 3.41 1.39 -1.02
N PHE A 65 4.05 0.67 -1.95
CA PHE A 65 5.06 -0.33 -1.62
C PHE A 65 6.34 0.42 -1.26
N ALA A 66 6.33 1.03 -0.08
CA ALA A 66 7.26 2.11 0.24
C ALA A 66 8.63 1.62 0.71
N SER A 67 9.63 2.48 0.52
CA SER A 67 10.85 2.38 1.27
C SER A 67 10.61 2.75 2.74
N ALA A 68 11.34 2.10 3.64
CA ALA A 68 11.27 2.47 5.04
C ALA A 68 12.21 3.62 5.37
N LYS A 69 13.23 3.83 4.53
CA LYS A 69 14.35 4.69 4.88
C LYS A 69 14.37 6.02 4.14
N ASN A 70 13.94 6.09 2.87
CA ASN A 70 13.89 7.38 2.16
C ASN A 70 12.58 7.54 1.41
N PRO A 71 11.92 8.69 1.53
CA PRO A 71 10.71 8.94 0.74
C PRO A 71 10.99 8.74 -0.74
N GLY A 72 10.11 8.01 -1.40
CA GLY A 72 10.40 7.62 -2.76
C GLY A 72 11.55 6.65 -2.91
N GLY A 73 12.12 6.17 -1.81
CA GLY A 73 13.18 5.21 -1.93
C GLY A 73 14.39 5.69 -2.67
N GLY A 74 14.53 7.01 -2.85
CA GLY A 74 15.75 7.57 -3.44
C GLY A 74 15.90 7.37 -4.93
N PHE A 75 14.93 6.70 -5.56
CA PHE A 75 14.94 6.43 -7.00
C PHE A 75 16.27 5.80 -7.40
N ALA A 79 12.55 3.08 -10.98
CA ALA A 79 12.07 2.93 -12.36
C ALA A 79 11.28 1.63 -12.56
N GLN A 80 11.90 0.52 -12.13
CA GLN A 80 11.17 -0.74 -11.96
C GLN A 80 10.10 -0.62 -10.87
N ALA A 81 10.38 0.15 -9.82
CA ALA A 81 9.65 0.05 -8.56
C ALA A 81 8.37 0.87 -8.56
N GLN A 82 7.39 0.37 -7.81
CA GLN A 82 6.05 0.97 -7.82
C GLN A 82 6.04 2.32 -7.11
N GLU A 83 6.76 2.47 -6.00
CA GLU A 83 6.75 3.76 -5.32
C GLU A 83 7.38 4.85 -6.19
N GLU A 84 8.42 4.50 -6.95
CA GLU A 84 8.96 5.43 -7.94
C GLU A 84 7.88 5.84 -8.94
N ASP A 85 7.11 4.86 -9.44
CA ASP A 85 5.98 5.16 -10.31
C ASP A 85 5.03 6.16 -9.66
N LEU A 86 4.62 5.89 -8.42
CA LEU A 86 3.62 6.77 -7.82
C LEU A 86 4.17 8.16 -7.59
N CYS A 87 5.46 8.26 -7.24
CA CYS A 87 6.06 9.58 -7.02
C CYS A 87 6.21 10.36 -8.32
N ARG A 88 6.48 9.68 -9.43
CA ARG A 88 6.73 10.43 -10.64
C ARG A 88 5.43 10.87 -11.34
N GLY A 89 4.28 10.34 -10.95
CA GLY A 89 3.02 10.68 -11.60
C GLY A 89 1.95 11.26 -10.71
N SER A 90 2.28 11.68 -9.49
CA SER A 90 1.33 12.21 -8.52
C SER A 90 2.08 13.16 -7.60
N GLY A 91 1.38 13.73 -6.62
CA GLY A 91 1.95 14.57 -5.60
C GLY A 91 2.53 13.83 -4.43
N LEU A 92 2.55 12.49 -4.49
CA LEU A 92 2.97 11.65 -3.37
C LEU A 92 4.25 12.15 -2.69
N TYR A 93 5.30 12.44 -3.48
CA TYR A 93 6.57 12.83 -2.88
C TYR A 93 6.42 14.05 -1.99
N PHE A 94 5.65 15.05 -2.43
CA PHE A 94 5.45 16.28 -1.66
C PHE A 94 4.80 15.98 -0.32
N SER A 95 4.04 14.88 -0.23
CA SER A 95 3.45 14.44 1.02
C SER A 95 4.44 13.62 1.84
N LEU A 96 5.29 12.83 1.18
CA LEU A 96 6.18 11.95 1.94
C LEU A 96 7.31 12.72 2.60
N THR A 97 7.70 13.87 2.06
CA THR A 97 8.72 14.70 2.66
C THR A 97 8.16 15.72 3.66
N SER A 98 6.90 15.56 4.05
CA SER A 98 6.27 16.54 4.91
C SER A 98 6.84 16.41 6.33
N PRO A 99 6.78 17.48 7.12
CA PRO A 99 7.26 17.39 8.50
C PRO A 99 6.64 16.25 9.30
N GLN A 100 5.29 16.12 9.30
CA GLN A 100 4.64 15.05 10.08
C GLN A 100 5.21 13.68 9.76
N ALA A 101 5.60 13.47 8.50
CA ALA A 101 5.97 12.13 8.06
C ALA A 101 7.38 11.75 8.46
N GLU A 102 8.17 12.72 8.93
CA GLU A 102 9.59 12.50 9.16
C GLU A 102 9.89 11.42 10.19
N PRO A 103 9.12 11.27 11.27
CA PRO A 103 9.46 10.21 12.24
C PRO A 103 9.47 8.82 11.66
N TYR A 104 8.64 8.55 10.64
CA TYR A 104 8.62 7.23 9.99
C TYR A 104 9.99 6.88 9.40
N TYR A 105 10.63 7.82 8.70
CA TYR A 105 11.96 7.54 8.17
C TYR A 105 13.00 7.57 9.28
N ALA A 106 12.92 8.55 10.18
CA ALA A 106 13.88 8.65 11.27
C ALA A 106 13.90 7.36 12.10
N VAL A 107 12.73 6.87 12.49
CA VAL A 107 12.72 5.68 13.35
C VAL A 107 13.16 4.45 12.55
N ASN A 108 12.71 4.31 11.31
CA ASN A 108 13.05 3.13 10.52
C ASN A 108 14.56 3.02 10.33
N ARG A 109 15.21 4.15 10.06
CA ARG A 109 16.68 4.14 9.95
C ARG A 109 17.30 3.78 11.27
N GLN A 110 16.75 4.32 12.37
CA GLN A 110 17.34 4.10 13.68
C GLN A 110 17.16 2.65 14.13
N SER A 111 16.16 1.95 13.60
CA SER A 111 15.92 0.58 14.03
C SER A 111 17.05 -0.36 13.63
N HIS A 112 17.72 -0.10 12.51
CA HIS A 112 18.78 -0.98 12.03
C HIS A 112 18.31 -2.42 11.93
N SER A 113 17.04 -2.60 11.54
CA SER A 113 16.47 -3.92 11.31
C SER A 113 15.79 -3.96 9.94
N ALA A 114 16.01 -5.05 9.21
CA ALA A 114 15.38 -5.19 7.89
C ALA A 114 13.89 -5.44 7.98
N LEU A 115 13.37 -5.80 9.17
CA LEU A 115 11.94 -5.96 9.35
C LEU A 115 11.21 -4.63 9.50
N TYR A 116 11.97 -3.54 9.72
CA TYR A 116 11.45 -2.20 9.96
C TYR A 116 10.47 -2.12 11.12
N THR A 117 9.85 -0.95 11.29
CA THR A 117 8.91 -0.66 12.36
C THR A 117 7.52 -0.47 11.77
N ASP A 118 6.56 -0.20 12.66
CA ASP A 118 5.13 -0.21 12.32
C ASP A 118 4.56 1.19 12.17
N HIS A 119 5.32 2.12 11.60
CA HIS A 119 4.76 3.41 11.23
C HIS A 119 4.11 3.33 9.85
N LEU A 120 2.97 3.98 9.68
CA LEU A 120 2.34 4.14 8.38
C LEU A 120 2.13 5.62 8.13
N ILE A 121 2.18 6.03 6.86
CA ILE A 121 1.89 7.42 6.48
C ILE A 121 0.61 7.43 5.68
N TYR A 122 -0.30 8.31 6.08
CA TYR A 122 -1.57 8.49 5.40
C TYR A 122 -1.52 9.82 4.69
N SER A 123 -1.56 9.76 3.37
CA SER A 123 -1.54 10.91 2.49
C SER A 123 -2.95 11.08 1.93
N PRO A 124 -3.70 12.09 2.33
CA PRO A 124 -5.06 12.27 1.80
C PRO A 124 -5.08 13.07 0.51
N GLN A 125 -5.98 12.68 -0.39
CA GLN A 125 -6.25 13.42 -1.64
C GLN A 125 -4.96 13.72 -2.39
N VAL A 126 -4.20 12.68 -2.69
CA VAL A 126 -3.01 12.86 -3.53
C VAL A 126 -3.47 12.96 -4.97
N PRO A 127 -3.13 14.03 -5.68
CA PRO A 127 -3.54 14.14 -7.09
C PRO A 127 -2.67 13.28 -7.99
N ILE A 128 -3.31 12.41 -8.76
CA ILE A 128 -2.66 11.75 -9.90
C ILE A 128 -2.66 12.73 -11.06
N PHE A 129 -1.48 13.02 -11.60
CA PHE A 129 -1.37 14.02 -12.66
C PHE A 129 -1.13 13.43 -14.04
N ARG A 130 -0.59 12.21 -14.15
CA ARG A 130 -0.20 11.71 -15.45
C ARG A 130 -0.59 10.23 -15.57
N ASP A 131 -0.76 9.78 -16.81
CA ASP A 131 -1.12 8.38 -17.06
C ASP A 131 0.09 7.48 -16.95
N ASP A 132 -0.10 6.20 -17.24
CA ASP A 132 1.02 5.25 -17.31
C ASP A 132 2.07 5.69 -18.31
N ALA A 133 1.71 6.52 -19.29
CA ALA A 133 2.61 6.94 -20.35
C ALA A 133 3.13 8.35 -20.18
N GLY A 134 2.62 9.13 -19.22
CA GLY A 134 3.30 10.33 -18.78
C GLY A 134 2.87 11.65 -19.38
N GLN A 135 1.77 11.71 -20.11
CA GLN A 135 1.18 13.00 -20.46
C GLN A 135 0.12 13.36 -19.41
N LEU A 136 -0.34 14.61 -19.44
CA LEU A 136 -1.34 15.11 -18.50
C LEU A 136 -2.56 14.19 -18.43
N LEU A 137 -3.32 14.31 -17.36
CA LEU A 137 -4.69 13.84 -17.34
C LEU A 137 -5.60 15.02 -17.68
N PRO A 138 -6.85 14.77 -18.21
CA PRO A 138 -7.83 15.86 -18.31
C PRO A 138 -7.73 16.83 -17.14
N ALA A 139 -8.06 16.31 -15.96
CA ALA A 139 -7.84 16.95 -14.69
C ALA A 139 -7.27 15.89 -13.76
N PRO A 140 -6.49 16.29 -12.76
CA PRO A 140 -5.95 15.30 -11.82
C PRO A 140 -7.07 14.54 -11.10
N VAL A 141 -6.78 13.31 -10.70
CA VAL A 141 -7.74 12.47 -10.00
C VAL A 141 -7.13 12.15 -8.64
N PRO A 142 -7.80 12.50 -7.54
CA PRO A 142 -7.19 12.30 -6.23
C PRO A 142 -7.37 10.88 -5.73
N VAL A 143 -6.39 10.43 -4.95
CA VAL A 143 -6.40 9.11 -4.34
C VAL A 143 -5.74 9.21 -2.98
N ASN A 144 -6.34 8.58 -1.96
CA ASN A 144 -5.69 8.49 -0.65
C ASN A 144 -4.68 7.36 -0.70
N ILE A 145 -3.48 7.60 -0.17
CA ILE A 145 -2.39 6.64 -0.31
C ILE A 145 -1.92 6.24 1.08
N ILE A 146 -2.02 4.94 1.36
CA ILE A 146 -1.44 4.37 2.55
C ILE A 146 -0.05 3.90 2.20
N THR A 147 0.95 4.45 2.84
CA THR A 147 2.32 4.05 2.60
C THR A 147 2.86 3.36 3.85
N ALA A 148 3.46 2.18 3.65
CA ALA A 148 4.05 1.37 4.69
C ALA A 148 5.03 0.40 4.04
N PRO A 149 6.11 0.03 4.72
CA PRO A 149 7.11 -0.84 4.09
C PRO A 149 6.93 -2.31 4.42
N ALA A 150 6.81 -3.15 3.40
CA ALA A 150 6.91 -4.58 3.66
C ALA A 150 8.28 -4.88 4.25
N PRO A 151 8.40 -5.92 5.07
CA PRO A 151 9.72 -6.32 5.56
C PRO A 151 10.61 -6.67 4.37
N ASN A 152 11.88 -6.28 4.47
CA ASN A 152 12.81 -6.48 3.37
C ASN A 152 13.35 -7.90 3.44
N ALA A 153 12.55 -8.82 2.91
CA ALA A 153 12.90 -10.24 3.01
C ALA A 153 14.26 -10.51 2.35
N GLY A 154 14.52 -9.87 1.20
CA GLY A 154 15.84 -9.98 0.61
C GLY A 154 16.96 -9.65 1.57
N ALA A 155 16.86 -8.47 2.21
CA ALA A 155 17.92 -8.06 3.14
C ALA A 155 18.03 -9.02 4.31
N VAL A 156 16.89 -9.46 4.87
CA VAL A 156 16.93 -10.40 5.99
C VAL A 156 17.74 -11.64 5.62
N ALA A 157 17.46 -12.23 4.44
CA ALA A 157 18.18 -13.44 4.05
C ALA A 157 19.68 -13.20 3.97
N GLN A 158 20.10 -12.00 3.56
CA GLN A 158 21.51 -11.76 3.24
C GLN A 158 22.31 -11.15 4.37
N SER A 159 21.62 -10.59 5.38
CA SER A 159 22.22 -9.75 6.42
C SER A 159 21.90 -10.18 7.84
N ARG A 160 20.83 -10.94 8.05
CA ARG A 160 20.35 -11.35 9.37
C ARG A 160 19.34 -12.48 9.18
N PRO A 161 19.80 -13.63 8.69
CA PRO A 161 18.91 -14.79 8.51
C PRO A 161 18.16 -15.17 9.77
N GLU A 162 18.69 -14.81 10.95
CA GLU A 162 18.05 -15.16 12.21
C GLU A 162 16.66 -14.52 12.36
N GLN A 163 16.42 -13.40 11.67
CA GLN A 163 15.07 -12.84 11.57
C GLN A 163 14.22 -13.49 10.49
N LEU A 164 14.71 -14.51 9.77
CA LEU A 164 13.86 -15.11 8.73
C LEU A 164 12.50 -15.60 9.25
N PRO A 165 12.39 -16.34 10.35
CA PRO A 165 11.07 -16.80 10.77
C PRO A 165 10.14 -15.67 11.14
N GLN A 166 10.67 -14.50 11.43
CA GLN A 166 9.83 -13.36 11.77
C GLN A 166 9.31 -12.61 10.56
N VAL A 167 9.89 -12.87 9.38
CA VAL A 167 9.50 -12.16 8.16
C VAL A 167 8.00 -12.22 7.96
N LEU A 168 7.48 -13.43 7.82
CA LEU A 168 6.07 -13.64 7.50
C LEU A 168 5.13 -13.07 8.56
N PRO A 169 5.32 -13.34 9.86
CA PRO A 169 4.47 -12.67 10.85
C PRO A 169 4.52 -11.16 10.74
N THR A 170 5.68 -10.61 10.37
CA THR A 170 5.79 -9.15 10.28
C THR A 170 4.92 -8.61 9.15
N LEU A 171 5.02 -9.21 7.97
CA LEU A 171 4.17 -8.80 6.87
C LEU A 171 2.71 -9.02 7.21
N ARG A 172 2.40 -10.09 7.95
CA ARG A 172 1.02 -10.35 8.30
C ARG A 172 0.45 -9.23 9.18
N GLU A 173 1.13 -8.91 10.28
CA GLU A 173 0.62 -7.87 11.18
C GLU A 173 0.67 -6.49 10.55
N ARG A 174 1.62 -6.24 9.65
CA ARG A 174 1.68 -4.90 9.06
C ARG A 174 0.56 -4.72 8.03
N ALA A 175 0.20 -5.79 7.32
CA ALA A 175 -0.93 -5.72 6.40
C ALA A 175 -2.22 -5.45 7.13
N ARG A 176 -2.39 -6.06 8.31
CA ARG A 176 -3.58 -5.83 9.10
C ARG A 176 -3.62 -4.39 9.64
N ARG A 177 -2.45 -3.78 9.91
CA ARG A 177 -2.42 -2.34 10.17
C ARG A 177 -2.78 -1.55 8.92
N VAL A 178 -2.40 -2.05 7.73
CA VAL A 178 -2.66 -1.34 6.48
C VAL A 178 -4.16 -1.23 6.25
N LEU A 179 -4.88 -2.37 6.30
CA LEU A 179 -6.33 -2.30 6.17
C LEU A 179 -6.98 -1.67 7.41
N GLY A 180 -6.33 -1.77 8.58
CA GLY A 180 -6.86 -1.06 9.74
C GLY A 180 -6.83 0.44 9.58
N VAL A 181 -5.79 0.96 8.89
CA VAL A 181 -5.76 2.38 8.57
C VAL A 181 -6.87 2.71 7.58
N ALA A 182 -7.04 1.85 6.58
CA ALA A 182 -8.10 2.07 5.59
C ALA A 182 -9.48 2.05 6.24
N ALA A 183 -9.69 1.14 7.21
CA ALA A 183 -10.93 1.14 7.97
C ALA A 183 -11.03 2.38 8.85
N TRP A 184 -9.95 2.73 9.55
CA TRP A 184 -9.93 3.91 10.42
C TRP A 184 -10.30 5.17 9.64
N MET A 185 -9.72 5.34 8.44
CA MET A 185 -10.04 6.47 7.56
C MET A 185 -11.27 6.22 6.71
N GLU A 186 -11.97 5.10 6.95
CA GLU A 186 -13.26 4.78 6.33
C GLU A 186 -13.20 4.91 4.80
N GLN A 187 -12.42 4.02 4.20
CA GLN A 187 -12.32 3.88 2.76
C GLN A 187 -13.26 2.79 2.28
N THR A 188 -13.71 2.89 1.04
CA THR A 188 -14.57 1.86 0.48
C THR A 188 -13.84 1.02 -0.57
N HIS A 189 -12.98 1.64 -1.39
CA HIS A 189 -12.31 0.95 -2.49
C HIS A 189 -10.81 0.94 -2.24
N LEU A 190 -10.24 -0.27 -2.13
CA LEU A 190 -8.84 -0.47 -1.79
C LEU A 190 -8.09 -1.01 -3.01
N VAL A 191 -6.99 -0.36 -3.36
CA VAL A 191 -6.10 -0.83 -4.41
C VAL A 191 -4.89 -1.48 -3.75
N LEU A 192 -4.80 -2.81 -3.83
CA LEU A 192 -3.70 -3.55 -3.24
C LEU A 192 -2.83 -4.12 -4.36
N GLY A 193 -1.94 -5.06 -4.04
CA GLY A 193 -1.04 -5.56 -5.06
C GLY A 193 0.11 -6.35 -4.44
N ALA A 194 1.17 -6.52 -5.24
CA ALA A 194 2.26 -7.43 -4.92
C ALA A 194 3.22 -6.80 -3.90
N TRP A 195 2.64 -6.43 -2.74
CA TRP A 195 3.37 -5.72 -1.68
C TRP A 195 4.59 -6.52 -1.23
N GLY A 196 5.78 -5.92 -1.38
CA GLY A 196 7.00 -6.54 -0.90
C GLY A 196 7.62 -7.53 -1.84
N CYS A 197 6.96 -7.84 -2.95
CA CYS A 197 7.31 -8.99 -3.77
C CYS A 197 8.35 -8.69 -4.85
N GLY A 198 8.75 -7.43 -5.01
CA GLY A 198 9.73 -7.12 -6.04
C GLY A 198 11.14 -6.90 -5.47
N VAL A 199 11.49 -5.63 -5.30
CA VAL A 199 12.80 -5.27 -4.75
C VAL A 199 13.05 -6.00 -3.43
N PHE A 200 12.03 -6.09 -2.56
CA PHE A 200 12.15 -6.64 -1.22
C PHE A 200 12.09 -8.17 -1.18
N ARG A 201 11.66 -8.82 -2.26
CA ARG A 201 11.90 -10.24 -2.52
C ARG A 201 11.02 -11.16 -1.66
N ASN A 202 9.86 -10.70 -1.23
CA ASN A 202 8.94 -11.57 -0.51
C ASN A 202 8.28 -12.55 -1.47
N ASP A 203 7.87 -13.70 -0.94
CA ASP A 203 7.18 -14.69 -1.76
C ASP A 203 5.81 -14.15 -2.17
N PRO A 204 5.52 -14.01 -3.47
CA PRO A 204 4.19 -13.53 -3.87
C PRO A 204 3.08 -14.48 -3.46
N ALA A 205 3.39 -15.76 -3.28
CA ALA A 205 2.40 -16.70 -2.77
C ALA A 205 1.98 -16.32 -1.35
N GLY A 206 2.97 -16.09 -0.48
CA GLY A 206 2.64 -15.72 0.89
C GLY A 206 1.92 -14.40 0.98
N VAL A 207 2.40 -13.40 0.23
CA VAL A 207 1.78 -12.08 0.27
C VAL A 207 0.32 -12.15 -0.18
N ALA A 208 0.08 -12.67 -1.39
CA ALA A 208 -1.28 -12.77 -1.90
C ALA A 208 -2.17 -13.52 -0.94
N ARG A 209 -1.65 -14.60 -0.33
CA ARG A 209 -2.46 -15.37 0.60
C ARG A 209 -2.72 -14.59 1.88
N THR A 210 -1.67 -13.98 2.45
CA THR A 210 -1.83 -13.26 3.71
C THR A 210 -2.96 -12.24 3.61
N PHE A 211 -3.02 -11.49 2.51
CA PHE A 211 -4.20 -10.68 2.23
C PHE A 211 -5.45 -11.54 2.30
N ARG A 212 -5.56 -12.51 1.38
CA ARG A 212 -6.74 -13.38 1.29
C ARG A 212 -7.25 -13.83 2.65
N GLU A 213 -6.35 -14.21 3.56
CA GLU A 213 -6.79 -14.59 4.90
C GLU A 213 -7.51 -13.45 5.60
N LEU A 214 -6.91 -12.25 5.59
CA LEU A 214 -7.48 -11.11 6.29
C LEU A 214 -8.81 -10.68 5.68
N LEU A 215 -8.92 -10.64 4.36
CA LEU A 215 -10.21 -10.32 3.77
C LEU A 215 -11.27 -11.38 4.05
N GLU A 216 -10.85 -12.55 4.54
CA GLU A 216 -11.74 -13.61 4.99
C GLU A 216 -11.87 -13.67 6.50
N GLY A 217 -10.98 -13.01 7.23
CA GLY A 217 -11.06 -13.02 8.68
C GLY A 217 -11.42 -11.65 9.22
N GLU A 218 -10.41 -10.93 9.74
CA GLU A 218 -10.65 -9.67 10.45
C GLU A 218 -11.22 -8.60 9.55
N ALA A 219 -10.86 -8.59 8.26
CA ALA A 219 -11.29 -7.56 7.32
C ALA A 219 -12.50 -8.00 6.49
N GLN A 220 -13.20 -9.03 6.94
CA GLN A 220 -14.33 -9.59 6.22
C GLN A 220 -15.45 -8.56 6.10
N GLY A 221 -15.79 -8.17 4.87
CA GLY A 221 -16.86 -7.21 4.65
C GLY A 221 -16.54 -5.77 4.98
N ALA A 222 -15.32 -5.48 5.47
CA ALA A 222 -14.96 -4.13 5.91
C ALA A 222 -14.88 -3.13 4.76
N PHE A 223 -14.70 -3.60 3.53
CA PHE A 223 -14.57 -2.72 2.38
C PHE A 223 -15.54 -3.13 1.27
N GLU A 224 -15.75 -2.20 0.35
CA GLU A 224 -16.74 -2.35 -0.72
C GLU A 224 -16.13 -3.11 -1.89
N HIS A 225 -14.97 -2.64 -2.36
CA HIS A 225 -14.27 -3.18 -3.50
C HIS A 225 -12.76 -3.17 -3.24
N VAL A 226 -12.10 -4.29 -3.52
CA VAL A 226 -10.67 -4.43 -3.32
C VAL A 226 -10.09 -5.00 -4.61
N THR A 227 -9.33 -4.19 -5.34
CA THR A 227 -8.67 -4.68 -6.54
C THR A 227 -7.17 -4.74 -6.33
N PHE A 228 -6.55 -5.84 -6.76
CA PHE A 228 -5.11 -6.08 -6.66
C PHE A 228 -4.49 -5.79 -8.02
N ALA A 229 -4.00 -4.57 -8.19
CA ALA A 229 -3.35 -4.20 -9.44
C ALA A 229 -1.91 -4.71 -9.40
N VAL A 230 -1.61 -5.76 -10.17
CA VAL A 230 -0.28 -6.39 -10.15
C VAL A 230 0.36 -6.24 -11.53
N LEU A 231 1.21 -5.24 -11.71
CA LEU A 231 2.02 -5.16 -12.92
C LEU A 231 2.95 -6.36 -12.97
N ASP A 232 3.09 -6.96 -14.16
CA ASP A 232 3.91 -8.17 -14.30
C ASP A 232 4.24 -8.36 -15.78
N ASN A 233 5.37 -7.77 -16.19
CA ASN A 233 5.87 -7.88 -17.55
C ASN A 233 6.79 -9.08 -17.77
N HIS A 234 7.06 -9.87 -16.72
CA HIS A 234 7.89 -11.05 -16.88
C HIS A 234 7.09 -12.14 -17.58
N PRO A 235 7.66 -12.81 -18.60
CA PRO A 235 6.86 -13.75 -19.40
C PRO A 235 6.19 -14.85 -18.60
N GLN A 236 6.84 -15.39 -17.56
CA GLN A 236 6.18 -16.42 -16.76
C GLN A 236 4.99 -15.85 -15.98
N HIS A 237 4.94 -14.54 -15.78
CA HIS A 237 3.90 -13.89 -14.99
C HIS A 237 3.84 -14.52 -13.60
N PRO A 238 4.96 -14.58 -12.87
CA PRO A 238 4.97 -15.31 -11.60
C PRO A 238 4.16 -14.62 -10.52
N LYS A 239 4.42 -13.34 -10.30
CA LYS A 239 3.67 -12.56 -9.32
C LYS A 239 2.19 -12.53 -9.67
N LEU A 240 1.86 -12.09 -10.89
CA LEU A 240 0.48 -12.04 -11.36
C LEU A 240 -0.23 -13.39 -11.18
N GLY A 241 0.48 -14.49 -11.47
CA GLY A 241 -0.15 -15.80 -11.38
C GLY A 241 -0.45 -16.23 -9.96
N ALA A 242 0.51 -16.02 -9.05
CA ALA A 242 0.29 -16.38 -7.65
C ALA A 242 -0.82 -15.58 -7.00
N PHE A 243 -1.10 -14.37 -7.51
CA PHE A 243 -2.21 -13.59 -6.97
C PHE A 243 -3.54 -14.07 -7.52
N ARG A 244 -3.57 -14.44 -8.80
CA ARG A 244 -4.77 -15.03 -9.38
C ARG A 244 -5.03 -16.42 -8.78
N ARG A 245 -3.98 -17.22 -8.68
CA ARG A 245 -4.13 -18.57 -8.17
C ARG A 245 -4.65 -18.58 -6.73
N GLU A 246 -4.22 -17.63 -5.90
CA GLU A 246 -4.54 -17.67 -4.46
C GLU A 246 -5.70 -16.77 -4.04
N LEU A 247 -6.19 -15.89 -4.92
CA LEU A 247 -7.37 -15.11 -4.58
C LEU A 247 -8.63 -15.67 -5.24
N GLU A 248 -8.63 -16.95 -5.62
CA GLU A 248 -9.78 -17.52 -6.32
C GLU A 248 -10.98 -17.71 -5.40
N SER A 249 -10.74 -18.01 -4.13
CA SER A 249 -11.85 -18.19 -3.19
C SER A 249 -12.63 -16.90 -3.04
N LEU A 250 -11.92 -15.79 -2.81
CA LEU A 250 -12.56 -14.50 -2.51
C LEU A 250 -13.16 -13.89 -3.77
N CYS A 251 -12.48 -14.01 -4.92
CA CYS A 251 -13.10 -13.68 -6.20
C CYS A 251 -13.26 -14.90 -7.08
N1 AR6 B . 1.89 -0.69 -10.15
C2 AR6 B . 1.48 -1.89 -9.69
N3 AR6 B . 2.36 -2.89 -9.47
C4 AR6 B . 3.65 -2.66 -9.73
C5 AR6 B . 4.08 -1.48 -10.18
C6 AR6 B . 3.17 -0.46 -10.39
N6 AR6 B . 3.26 0.91 -10.85
N7 AR6 B . 5.41 -1.53 -10.34
C8 AR6 B . 5.79 -2.76 -9.98
N9 AR6 B . 4.72 -3.46 -9.60
PA AR6 B . 8.26 -3.14 -5.75
PB AR6 B . 8.64 -3.93 -3.00
C1' AR6 B . 4.71 -4.80 -9.18
O1A AR6 B . 9.53 -3.92 -5.90
O1B AR6 B . 8.89 -5.33 -3.52
C1D AR6 B . 11.29 0.61 -4.14
O1D AR6 B . 12.48 1.00 -4.40
C2' AR6 B . 5.74 -5.45 -9.76
O2' AR6 B . 5.32 -6.75 -10.31
O2A AR6 B . 8.37 -1.77 -6.36
O2B AR6 B . 7.74 -3.92 -1.79
C2D AR6 B . 10.74 1.25 -2.86
O2D AR6 B . 11.29 2.61 -2.67
C3' AR6 B . 6.80 -5.64 -8.63
O3' AR6 B . 7.55 -6.72 -8.84
O3A AR6 B . 7.89 -3.03 -4.16
C3D AR6 B . 11.17 0.44 -1.89
O3D AR6 B . 12.50 0.78 -1.51
C4' AR6 B . 5.90 -5.74 -7.32
O4' AR6 B . 4.88 -4.94 -7.55
C4D AR6 B . 11.18 -1.07 -2.54
O4D AR6 B . 11.26 -0.95 -3.83
C5' AR6 B . 6.66 -5.20 -6.11
O5' AR6 B . 7.00 -3.89 -6.48
C5D AR6 B . 9.91 -1.78 -2.20
O5D AR6 B . 10.03 -3.13 -2.60
#